data_2XBA
#
_entry.id   2XBA
#
_cell.length_a   51.884
_cell.length_b   57.013
_cell.length_c   105.541
_cell.angle_alpha   90.00
_cell.angle_beta   90.00
_cell.angle_gamma   90.00
#
_symmetry.space_group_name_H-M   'P 21 21 21'
#
loop_
_entity.id
_entity.type
_entity.pdbx_description
1 polymer 'ALK TYROSINE KINASE RECEPTOR'
2 non-polymer 5-[(2R)-2-hydroxy-2-phenylacetyl]-3-({[4-(4-methylpiperazin-1-yl)phenyl]carbonyl}amino)-1,6-dihydropyrrolo[3,4-c]pyrazol-5-ium
3 water water
#
_entity_poly.entity_id   1
_entity_poly.type   'polypeptide(L)'
_entity_poly.pdbx_seq_one_letter_code
;GPNYCFAGKTSSISDLKEVPRKNITLIRGLGHGAFGEVYEGQVSGMPNDPSPLQVAVKTLPEVCSEQDELDFLMEALIIS
KFNHQNIVRCIGVSLQSLPRFILLELMAGGDLKSFLRETRPRPSQPSSLAMLDLLHVARDIACGCQYLEENHFIHRDIAA
RNCLLTCPGPGRVAKIGDFGMARDIYRASYYRKGGCAMLPVKWMPPEAFMEGIFTSKTDTWSFGVLLWEIFSLGYMPYPS
KSNQEVLEFVTSGGRMDPPKNCPGPVYRIMTQCWQHQPEDRPNFAIILERIEYCTQDPDVINTALPIEYGPLVEE
;
_entity_poly.pdbx_strand_id   A
#
# COMPACT_ATOMS: atom_id res chain seq x y z
N ASN A 3 -19.58 16.11 -2.23
CA ASN A 3 -18.57 16.47 -1.20
C ASN A 3 -17.24 15.70 -1.22
N TYR A 4 -16.91 15.03 -2.32
CA TYR A 4 -15.54 14.54 -2.47
C TYR A 4 -15.02 14.83 -3.87
N CYS A 5 -13.83 15.42 -3.94
CA CYS A 5 -13.24 15.79 -5.21
C CYS A 5 -11.97 15.01 -5.49
N PHE A 6 -11.90 14.40 -6.67
CA PHE A 6 -10.72 13.65 -7.12
C PHE A 6 -10.54 13.86 -8.63
N ALA A 7 -9.31 14.19 -9.02
CA ALA A 7 -9.04 14.41 -10.45
C ALA A 7 -9.97 15.52 -10.97
N GLY A 8 -10.30 16.48 -10.11
CA GLY A 8 -11.10 17.61 -10.54
C GLY A 8 -12.57 17.31 -10.81
N LYS A 9 -13.05 16.17 -10.34
CA LYS A 9 -14.46 15.82 -10.44
C LYS A 9 -15.04 15.63 -9.06
N THR A 10 -16.30 16.03 -8.87
CA THR A 10 -16.93 15.89 -7.56
C THR A 10 -17.85 14.67 -7.54
N SER A 11 -17.96 14.05 -6.39
CA SER A 11 -18.93 12.98 -6.21
C SER A 11 -19.48 13.01 -4.80
N SER A 12 -20.64 12.40 -4.61
CA SER A 12 -21.24 12.37 -3.31
C SER A 12 -21.82 10.98 -3.07
N ILE A 13 -22.41 10.79 -1.90
CA ILE A 13 -22.95 9.49 -1.51
C ILE A 13 -23.86 8.95 -2.62
N SER A 14 -24.60 9.83 -3.27
CA SER A 14 -25.47 9.42 -4.39
C SER A 14 -24.79 8.72 -5.58
N ASP A 15 -23.49 8.95 -5.75
CA ASP A 15 -22.76 8.32 -6.87
C ASP A 15 -22.24 6.91 -6.54
N LEU A 16 -22.22 6.55 -5.28
CA LEU A 16 -21.78 5.22 -4.89
C LEU A 16 -22.79 4.22 -5.44
N LYS A 17 -22.30 3.07 -5.90
CA LYS A 17 -23.16 2.01 -6.42
C LYS A 17 -23.79 1.18 -5.30
N GLU A 18 -25.02 1.49 -4.92
CA GLU A 18 -25.65 0.73 -3.85
C GLU A 18 -26.15 -0.62 -4.31
N VAL A 19 -25.80 -1.66 -3.55
CA VAL A 19 -26.18 -3.04 -3.84
C VAL A 19 -27.26 -3.50 -2.86
N PRO A 20 -28.34 -4.10 -3.37
CA PRO A 20 -29.42 -4.53 -2.46
C PRO A 20 -28.88 -5.49 -1.39
N ARG A 21 -29.23 -5.26 -0.12
CA ARG A 21 -28.63 -6.05 0.96
C ARG A 21 -28.94 -7.54 0.76
N LYS A 22 -30.13 -7.83 0.22
CA LYS A 22 -30.58 -9.19 0.00
C LYS A 22 -29.70 -9.92 -1.01
N ASN A 23 -29.01 -9.16 -1.85
CA ASN A 23 -28.07 -9.78 -2.80
C ASN A 23 -26.72 -10.14 -2.19
N ILE A 24 -26.53 -9.80 -0.91
CA ILE A 24 -25.21 -9.93 -0.29
C ILE A 24 -25.17 -10.98 0.81
N THR A 25 -24.26 -11.94 0.67
CA THR A 25 -24.07 -12.99 1.66
C THR A 25 -22.64 -12.98 2.21
N LEU A 26 -22.51 -12.97 3.54
CA LEU A 26 -21.20 -13.13 4.18
C LEU A 26 -20.81 -14.62 4.27
N ILE A 27 -19.54 -14.94 4.02
CA ILE A 27 -19.10 -16.33 3.99
C ILE A 27 -18.21 -16.66 5.18
N ARG A 28 -17.23 -15.81 5.43
CA ARG A 28 -16.25 -16.07 6.49
C ARG A 28 -15.48 -14.80 6.80
N GLY A 29 -14.94 -14.71 8.01
CA GLY A 29 -14.08 -13.59 8.35
C GLY A 29 -12.74 -13.73 7.65
N LEU A 30 -12.09 -12.61 7.36
CA LEU A 30 -10.75 -12.64 6.76
C LEU A 30 -9.69 -12.07 7.71
N VAL A 38 -13.43 -7.37 8.43
CA VAL A 38 -13.60 -7.64 7.00
C VAL A 38 -13.99 -9.10 6.74
N TYR A 39 -14.93 -9.32 5.81
CA TYR A 39 -15.43 -10.66 5.51
C TYR A 39 -15.29 -11.00 4.03
N GLU A 40 -15.08 -12.28 3.74
CA GLU A 40 -15.35 -12.76 2.42
C GLU A 40 -16.87 -12.90 2.23
N GLY A 41 -17.34 -12.43 1.08
CA GLY A 41 -18.75 -12.42 0.78
C GLY A 41 -19.02 -12.74 -0.69
N GLN A 42 -20.30 -12.84 -1.02
CA GLN A 42 -20.75 -13.13 -2.37
C GLN A 42 -21.78 -12.08 -2.68
N VAL A 43 -21.77 -11.57 -3.92
CA VAL A 43 -22.87 -10.73 -4.37
C VAL A 43 -23.56 -11.44 -5.55
N SER A 44 -24.88 -11.53 -5.47
CA SER A 44 -25.68 -12.05 -6.58
C SER A 44 -26.22 -10.87 -7.40
N PRO A 52 -21.74 -15.58 -9.82
CA PRO A 52 -21.78 -15.21 -8.39
C PRO A 52 -20.47 -14.53 -7.98
N LEU A 53 -20.51 -13.23 -7.70
CA LEU A 53 -19.27 -12.46 -7.58
C LEU A 53 -18.65 -12.51 -6.17
N GLN A 54 -17.40 -13.01 -6.08
CA GLN A 54 -16.68 -13.05 -4.79
C GLN A 54 -16.21 -11.65 -4.42
N VAL A 55 -16.47 -11.21 -3.19
CA VAL A 55 -16.02 -9.91 -2.71
C VAL A 55 -15.44 -9.98 -1.29
N ALA A 56 -14.75 -8.91 -0.87
CA ALA A 56 -14.50 -8.70 0.54
C ALA A 56 -15.51 -7.67 0.98
N VAL A 57 -16.02 -7.80 2.20
CA VAL A 57 -17.01 -6.90 2.75
C VAL A 57 -16.45 -6.22 3.98
N LYS A 58 -16.32 -4.91 3.90
CA LYS A 58 -15.86 -4.14 5.04
C LYS A 58 -17.09 -3.60 5.75
N THR A 59 -17.11 -3.71 7.07
CA THR A 59 -18.30 -3.35 7.83
C THR A 59 -18.04 -2.14 8.69
N LEU A 60 -19.09 -1.36 8.92
CA LEU A 60 -19.07 -0.30 9.90
C LEU A 60 -19.76 -0.79 11.19
N PRO A 61 -19.09 -0.69 12.34
CA PRO A 61 -19.80 -1.04 13.58
C PRO A 61 -21.08 -0.22 13.74
N GLU A 62 -22.17 -0.88 14.10
CA GLU A 62 -23.41 -0.17 14.38
C GLU A 62 -23.29 0.79 15.57
N VAL A 63 -22.43 0.43 16.52
CA VAL A 63 -22.14 1.33 17.65
C VAL A 63 -20.94 2.20 17.29
N CYS A 64 -21.20 3.35 16.68
CA CYS A 64 -20.12 4.21 16.21
C CYS A 64 -20.60 5.66 16.24
N SER A 65 -19.66 6.60 16.26
CA SER A 65 -20.02 8.02 16.25
C SER A 65 -20.44 8.46 14.84
N GLU A 66 -21.00 9.66 14.74
CA GLU A 66 -21.35 10.20 13.43
C GLU A 66 -20.07 10.54 12.67
N GLN A 67 -18.97 10.71 13.40
CA GLN A 67 -17.69 10.89 12.72
C GLN A 67 -17.17 9.58 12.14
N ASP A 68 -17.46 8.47 12.81
CA ASP A 68 -17.14 7.15 12.25
C ASP A 68 -17.96 6.95 10.97
N GLU A 69 -19.23 7.34 11.03
CA GLU A 69 -20.14 7.33 9.88
C GLU A 69 -19.63 8.16 8.70
N LEU A 70 -19.14 9.37 8.98
CA LEU A 70 -18.63 10.21 7.90
C LEU A 70 -17.31 9.65 7.39
N ASP A 71 -16.48 9.15 8.31
CA ASP A 71 -15.24 8.46 7.94
C ASP A 71 -15.52 7.32 6.96
N PHE A 72 -16.57 6.55 7.25
CA PHE A 72 -16.89 5.36 6.45
C PHE A 72 -17.36 5.79 5.07
N LEU A 73 -18.24 6.79 5.05
CA LEU A 73 -18.69 7.33 3.77
C LEU A 73 -17.52 7.88 2.93
N MET A 74 -16.58 8.58 3.56
CA MET A 74 -15.50 9.19 2.80
C MET A 74 -14.60 8.11 2.21
N GLU A 75 -14.35 7.06 2.99
CA GLU A 75 -13.59 5.90 2.53
C GLU A 75 -14.22 5.33 1.26
N ALA A 76 -15.54 5.14 1.28
CA ALA A 76 -16.28 4.65 0.11
C ALA A 76 -16.10 5.59 -1.09
N LEU A 77 -16.23 6.88 -0.86
CA LEU A 77 -16.14 7.83 -1.96
C LEU A 77 -14.73 7.79 -2.58
N ILE A 78 -13.71 7.78 -1.72
CA ILE A 78 -12.33 7.78 -2.20
C ILE A 78 -12.02 6.55 -3.06
N ILE A 79 -12.21 5.36 -2.50
CA ILE A 79 -11.88 4.16 -3.28
C ILE A 79 -12.76 3.98 -4.54
N SER A 80 -14.03 4.36 -4.48
CA SER A 80 -14.86 4.26 -5.70
C SER A 80 -14.41 5.11 -6.89
N LYS A 81 -13.71 6.21 -6.63
CA LYS A 81 -13.29 7.10 -7.72
C LYS A 81 -11.99 6.67 -8.44
N PHE A 82 -11.21 5.81 -7.81
CA PHE A 82 -10.01 5.33 -8.47
C PHE A 82 -10.40 4.34 -9.55
N ASN A 83 -9.62 4.33 -10.63
CA ASN A 83 -9.77 3.37 -11.71
C ASN A 83 -8.39 2.95 -12.19
N HIS A 84 -7.84 1.90 -11.58
CA HIS A 84 -6.49 1.43 -11.94
C HIS A 84 -6.24 -0.01 -11.47
N GLN A 85 -5.52 -0.77 -12.29
CA GLN A 85 -5.30 -2.19 -12.00
C GLN A 85 -4.49 -2.45 -10.71
N ASN A 86 -3.73 -1.48 -10.23
CA ASN A 86 -2.99 -1.68 -8.97
C ASN A 86 -3.59 -0.94 -7.76
N ILE A 87 -4.87 -0.61 -7.87
CA ILE A 87 -5.64 -0.09 -6.74
C ILE A 87 -6.91 -0.94 -6.56
N VAL A 88 -7.13 -1.45 -5.35
CA VAL A 88 -8.23 -2.39 -5.10
C VAL A 88 -9.55 -1.78 -5.62
N ARG A 89 -10.31 -2.53 -6.40
CA ARG A 89 -11.60 -2.04 -6.96
C ARG A 89 -12.68 -2.03 -5.89
N CYS A 90 -13.64 -1.10 -6.04
CA CYS A 90 -14.83 -1.08 -5.19
C CYS A 90 -15.99 -1.63 -6.04
N ILE A 91 -16.57 -2.72 -5.60
CA ILE A 91 -17.72 -3.30 -6.30
C ILE A 91 -18.96 -2.47 -6.04
N GLY A 92 -19.05 -1.91 -4.84
CA GLY A 92 -20.21 -1.14 -4.49
C GLY A 92 -20.31 -0.97 -3.00
N VAL A 93 -21.45 -0.50 -2.54
CA VAL A 93 -21.65 -0.30 -1.11
C VAL A 93 -23.06 -0.81 -0.78
N SER A 94 -23.30 -1.06 0.49
CA SER A 94 -24.65 -1.27 1.00
C SER A 94 -24.75 -0.40 2.24
N LEU A 95 -25.17 0.85 2.05
CA LEU A 95 -25.20 1.84 3.13
C LEU A 95 -26.60 2.04 3.73
N GLN A 96 -27.62 1.55 3.03
CA GLN A 96 -29.01 1.70 3.44
C GLN A 96 -29.46 0.62 4.44
N SER A 97 -28.61 -0.35 4.73
CA SER A 97 -28.93 -1.31 5.77
C SER A 97 -27.85 -1.27 6.83
N LEU A 98 -28.13 -1.87 7.99
CA LEU A 98 -27.19 -1.89 9.11
C LEU A 98 -26.83 -3.34 9.44
N PRO A 99 -25.55 -3.61 9.69
CA PRO A 99 -24.43 -2.65 9.59
C PRO A 99 -24.15 -2.26 8.14
N ARG A 100 -23.64 -1.05 7.93
CA ARG A 100 -23.26 -0.59 6.60
C ARG A 100 -22.06 -1.37 6.04
N PHE A 101 -22.11 -1.66 4.74
CA PHE A 101 -21.03 -2.38 4.05
C PHE A 101 -20.35 -1.52 2.96
N ILE A 102 -19.05 -1.70 2.79
CA ILE A 102 -18.40 -1.35 1.53
C ILE A 102 -17.92 -2.66 0.89
N LEU A 103 -18.23 -2.84 -0.38
CA LEU A 103 -17.86 -4.07 -1.07
C LEU A 103 -16.61 -3.84 -1.92
N LEU A 104 -15.57 -4.64 -1.66
CA LEU A 104 -14.27 -4.49 -2.30
C LEU A 104 -13.78 -5.75 -3.00
N GLU A 105 -12.94 -5.54 -3.99
CA GLU A 105 -12.25 -6.63 -4.66
C GLU A 105 -11.65 -7.58 -3.60
N LEU A 106 -11.88 -8.88 -3.78
CA LEU A 106 -11.37 -9.87 -2.83
C LEU A 106 -9.91 -10.14 -3.16
N MET A 107 -9.05 -9.91 -2.18
CA MET A 107 -7.62 -10.06 -2.42
C MET A 107 -7.15 -11.24 -1.58
N ALA A 108 -7.07 -12.41 -2.21
CA ALA A 108 -6.99 -13.67 -1.46
C ALA A 108 -5.61 -13.88 -0.86
N GLY A 109 -4.63 -13.11 -1.31
CA GLY A 109 -3.29 -13.24 -0.75
C GLY A 109 -3.14 -12.50 0.56
N GLY A 110 -4.11 -11.67 0.91
CA GLY A 110 -3.99 -10.84 2.10
C GLY A 110 -2.97 -9.70 2.03
N ASP A 111 -2.64 -9.11 3.17
CA ASP A 111 -1.78 -7.92 3.15
C ASP A 111 -0.32 -8.26 2.87
N LEU A 112 0.40 -7.31 2.32
CA LEU A 112 1.73 -7.57 1.77
C LEU A 112 2.72 -7.86 2.90
N LYS A 113 2.64 -7.10 3.99
CA LYS A 113 3.60 -7.32 5.09
C LYS A 113 3.45 -8.76 5.60
N SER A 114 2.23 -9.18 5.93
CA SER A 114 1.98 -10.53 6.41
C SER A 114 2.43 -11.56 5.42
N PHE A 115 2.13 -11.34 4.15
CA PHE A 115 2.54 -12.25 3.09
C PHE A 115 4.06 -12.45 3.04
N LEU A 116 4.81 -11.35 3.08
CA LEU A 116 6.26 -11.45 3.01
C LEU A 116 6.75 -12.26 4.22
N ARG A 117 6.25 -11.93 5.41
CA ARG A 117 6.65 -12.65 6.60
C ARG A 117 6.33 -14.14 6.49
N GLU A 118 5.13 -14.48 6.01
CA GLU A 118 4.71 -15.88 5.95
C GLU A 118 5.38 -16.64 4.83
N THR A 119 5.83 -15.94 3.79
CA THR A 119 6.22 -16.61 2.55
C THR A 119 7.71 -16.46 2.29
N ARG A 120 8.44 -15.95 3.28
CA ARG A 120 9.88 -15.83 3.09
C ARG A 120 10.53 -17.20 3.07
N PRO A 121 11.62 -17.33 2.31
CA PRO A 121 12.27 -18.64 2.17
C PRO A 121 12.65 -19.24 3.54
N ARG A 122 12.40 -20.54 3.67
CA ARG A 122 12.76 -21.33 4.85
C ARG A 122 13.13 -22.70 4.32
N PRO A 123 13.76 -23.53 5.16
CA PRO A 123 14.06 -24.90 4.70
C PRO A 123 12.84 -25.69 4.21
N SER A 124 11.69 -25.46 4.84
CA SER A 124 10.46 -26.13 4.41
C SER A 124 9.98 -25.63 3.06
N GLN A 125 10.36 -24.40 2.71
CA GLN A 125 10.04 -23.81 1.41
C GLN A 125 11.20 -22.92 0.97
N PRO A 126 12.29 -23.55 0.51
CA PRO A 126 13.59 -22.91 0.28
C PRO A 126 13.60 -21.92 -0.88
N SER A 127 12.66 -22.10 -1.82
CA SER A 127 12.53 -21.22 -2.97
C SER A 127 11.10 -20.70 -3.08
N SER A 128 10.56 -20.26 -1.95
CA SER A 128 9.21 -19.74 -1.89
C SER A 128 9.06 -18.37 -2.58
N LEU A 129 10.12 -17.56 -2.52
CA LEU A 129 10.20 -16.28 -3.22
C LEU A 129 11.55 -16.12 -3.88
N ALA A 130 11.57 -15.43 -5.01
CA ALA A 130 12.82 -15.08 -5.67
C ALA A 130 12.88 -13.57 -5.82
N MET A 131 14.04 -13.04 -6.13
CA MET A 131 14.20 -11.61 -6.32
C MET A 131 13.19 -11.01 -7.31
N LEU A 132 12.94 -11.71 -8.41
CA LEU A 132 11.98 -11.23 -9.40
C LEU A 132 10.56 -11.11 -8.83
N ASP A 133 10.16 -12.00 -7.92
CA ASP A 133 8.86 -11.84 -7.25
C ASP A 133 8.77 -10.49 -6.54
N LEU A 134 9.85 -10.09 -5.88
CA LEU A 134 9.82 -8.87 -5.06
C LEU A 134 9.82 -7.65 -5.99
N LEU A 135 10.57 -7.75 -7.08
CA LEU A 135 10.61 -6.70 -8.08
C LEU A 135 9.25 -6.49 -8.75
N HIS A 136 8.51 -7.58 -9.00
CA HIS A 136 7.17 -7.45 -9.54
C HIS A 136 6.20 -6.82 -8.55
N VAL A 137 6.32 -7.16 -7.28
CA VAL A 137 5.52 -6.46 -6.27
C VAL A 137 5.87 -4.95 -6.28
N ALA A 138 7.17 -4.64 -6.34
CA ALA A 138 7.58 -3.25 -6.26
C ALA A 138 7.01 -2.46 -7.45
N ARG A 139 7.15 -3.05 -8.64
CA ARG A 139 6.60 -2.50 -9.86
C ARG A 139 5.11 -2.27 -9.79
N ASP A 140 4.40 -3.26 -9.28
CA ASP A 140 2.93 -3.19 -9.15
C ASP A 140 2.56 -1.94 -8.32
N ILE A 141 3.18 -1.81 -7.15
CA ILE A 141 2.79 -0.72 -6.27
C ILE A 141 3.28 0.62 -6.86
N ALA A 142 4.47 0.63 -7.44
CA ALA A 142 4.96 1.86 -8.09
C ALA A 142 4.03 2.29 -9.23
N CYS A 143 3.46 1.34 -9.95
CA CYS A 143 2.48 1.66 -10.98
C CYS A 143 1.20 2.29 -10.36
N GLY A 144 0.72 1.74 -9.24
CA GLY A 144 -0.37 2.35 -8.49
C GLY A 144 -0.02 3.77 -8.04
N CYS A 145 1.21 3.96 -7.56
CA CYS A 145 1.60 5.27 -7.05
C CYS A 145 1.70 6.28 -8.19
N GLN A 146 2.16 5.84 -9.35
CA GLN A 146 2.26 6.70 -10.54
C GLN A 146 0.89 7.22 -10.94
N TYR A 147 -0.11 6.34 -10.91
CA TYR A 147 -1.49 6.73 -11.17
C TYR A 147 -2.02 7.74 -10.15
N LEU A 148 -1.77 7.52 -8.86
CA LEU A 148 -2.11 8.52 -7.84
C LEU A 148 -1.38 9.87 -8.12
N GLU A 149 -0.10 9.78 -8.42
CA GLU A 149 0.71 10.99 -8.66
C GLU A 149 0.15 11.77 -9.87
N GLU A 150 -0.13 11.06 -10.96
CA GLU A 150 -0.57 11.74 -12.16
C GLU A 150 -1.96 12.34 -12.00
N ASN A 151 -2.73 11.84 -11.03
CA ASN A 151 -4.02 12.38 -10.68
C ASN A 151 -4.00 13.25 -9.42
N HIS A 152 -2.78 13.59 -9.00
CA HIS A 152 -2.54 14.57 -7.95
C HIS A 152 -3.08 14.17 -6.60
N PHE A 153 -3.10 12.87 -6.35
CA PHE A 153 -3.62 12.34 -5.10
C PHE A 153 -2.44 11.93 -4.23
N ILE A 154 -2.36 12.50 -3.04
CA ILE A 154 -1.24 12.23 -2.17
C ILE A 154 -1.70 11.20 -1.14
N HIS A 155 -1.08 10.02 -1.15
CA HIS A 155 -1.54 8.90 -0.33
C HIS A 155 -1.19 9.07 1.16
N ARG A 156 0.05 9.46 1.43
CA ARG A 156 0.54 9.80 2.80
C ARG A 156 0.85 8.61 3.69
N ASP A 157 0.59 7.40 3.23
CA ASP A 157 0.91 6.25 4.06
C ASP A 157 1.20 5.02 3.22
N ILE A 158 2.10 5.17 2.25
CA ILE A 158 2.48 4.05 1.40
C ILE A 158 3.35 3.11 2.24
N ALA A 159 2.84 1.91 2.52
CA ALA A 159 3.53 0.99 3.42
C ALA A 159 3.01 -0.41 3.16
N ALA A 160 3.82 -1.42 3.50
CA ALA A 160 3.45 -2.79 3.14
C ALA A 160 2.12 -3.22 3.78
N ARG A 161 1.85 -2.77 5.01
CA ARG A 161 0.64 -3.17 5.73
C ARG A 161 -0.61 -2.67 4.99
N ASN A 162 -0.45 -1.66 4.13
CA ASN A 162 -1.56 -1.10 3.40
C ASN A 162 -1.76 -1.63 1.98
N CYS A 163 -0.94 -2.60 1.57
CA CYS A 163 -1.05 -3.22 0.25
C CYS A 163 -1.59 -4.65 0.36
N LEU A 164 -2.28 -5.09 -0.70
CA LEU A 164 -2.90 -6.41 -0.72
C LEU A 164 -2.47 -7.17 -1.97
N LEU A 165 -2.46 -8.49 -1.88
CA LEU A 165 -2.15 -9.37 -3.00
C LEU A 165 -3.38 -10.17 -3.50
N THR A 166 -3.51 -10.32 -4.81
CA THR A 166 -4.66 -10.99 -5.40
C THR A 166 -4.75 -12.47 -4.99
N CYS A 167 -3.58 -13.09 -4.81
CA CYS A 167 -3.47 -14.50 -4.44
C CYS A 167 -2.09 -14.77 -3.88
N PRO A 168 -1.90 -15.93 -3.21
CA PRO A 168 -0.59 -16.20 -2.62
C PRO A 168 0.45 -16.63 -3.65
N GLY A 169 -0.01 -17.30 -4.70
CA GLY A 169 0.90 -17.99 -5.59
C GLY A 169 1.37 -17.15 -6.76
N PRO A 170 2.06 -17.79 -7.74
CA PRO A 170 2.59 -17.12 -8.94
C PRO A 170 1.51 -16.38 -9.73
N GLY A 171 1.88 -15.25 -10.29
CA GLY A 171 0.89 -14.43 -10.96
C GLY A 171 0.16 -13.49 -10.01
N ARG A 172 0.59 -13.47 -8.76
CA ARG A 172 -0.04 -12.56 -7.81
C ARG A 172 0.18 -11.14 -8.31
N VAL A 173 -0.79 -10.27 -8.05
CA VAL A 173 -0.65 -8.83 -8.31
C VAL A 173 -0.85 -8.03 -7.01
N ALA A 174 0.07 -7.11 -6.74
CA ALA A 174 -0.01 -6.26 -5.55
C ALA A 174 -0.75 -4.96 -5.83
N LYS A 175 -1.56 -4.50 -4.87
CA LYS A 175 -2.38 -3.32 -5.09
C LYS A 175 -2.40 -2.51 -3.81
N ILE A 176 -2.58 -1.21 -3.94
CA ILE A 176 -2.77 -0.35 -2.76
C ILE A 176 -4.22 -0.56 -2.31
N GLY A 177 -4.42 -0.86 -1.02
CA GLY A 177 -5.76 -1.24 -0.57
C GLY A 177 -6.35 -0.40 0.54
N ASP A 178 -5.52 0.38 1.23
CA ASP A 178 -6.04 1.20 2.32
C ASP A 178 -5.69 2.68 2.07
N PHE A 179 -6.67 3.55 2.36
CA PHE A 179 -6.54 4.98 2.12
C PHE A 179 -6.97 5.80 3.33
N GLY A 180 -6.78 5.26 4.53
CA GLY A 180 -7.33 5.87 5.73
C GLY A 180 -6.66 7.17 6.12
N MET A 181 -5.35 7.26 5.93
CA MET A 181 -4.62 8.47 6.26
C MET A 181 -5.09 9.61 5.36
N ALA A 182 -5.14 9.36 4.05
CA ALA A 182 -5.66 10.36 3.13
C ALA A 182 -7.10 10.72 3.50
N ARG A 183 -7.87 9.73 3.95
CA ARG A 183 -9.27 9.97 4.30
C ARG A 183 -9.36 10.90 5.51
N ASP A 184 -8.46 10.69 6.47
CA ASP A 184 -8.45 11.48 7.70
C ASP A 184 -8.06 12.93 7.44
N ILE A 185 -7.05 13.13 6.60
CA ILE A 185 -6.64 14.48 6.21
C ILE A 185 -7.72 15.17 5.39
N TYR A 186 -8.34 14.44 4.47
CA TYR A 186 -9.49 14.97 3.75
C TYR A 186 -10.60 15.33 4.75
N ALA A 197 1.00 9.43 18.44
CA ALA A 197 1.56 8.08 18.59
C ALA A 197 1.09 7.14 17.48
N MET A 198 0.06 7.54 16.74
CA MET A 198 -0.45 6.74 15.63
C MET A 198 0.04 7.20 14.25
N LEU A 199 0.86 8.25 14.21
CA LEU A 199 1.38 8.70 12.93
C LEU A 199 2.39 7.71 12.36
N PRO A 200 2.36 7.50 11.03
CA PRO A 200 3.27 6.51 10.45
C PRO A 200 4.67 7.11 10.24
N VAL A 201 5.28 7.50 11.37
CA VAL A 201 6.55 8.25 11.38
C VAL A 201 7.62 7.57 10.53
N LYS A 202 7.70 6.24 10.62
CA LYS A 202 8.79 5.53 9.95
C LYS A 202 8.68 5.55 8.43
N TRP A 203 7.56 6.03 7.91
CA TRP A 203 7.41 6.11 6.44
C TRP A 203 7.41 7.57 5.94
N MET A 204 7.70 8.52 6.83
CA MET A 204 7.51 9.93 6.48
C MET A 204 8.84 10.66 6.25
N PRO A 205 8.88 11.54 5.22
CA PRO A 205 10.08 12.36 4.95
C PRO A 205 10.25 13.52 5.96
N PRO A 206 11.46 14.10 6.03
CA PRO A 206 11.74 15.16 7.01
C PRO A 206 10.75 16.32 6.99
N GLU A 207 10.37 16.79 5.81
CA GLU A 207 9.52 17.97 5.74
C GLU A 207 8.08 17.68 6.20
N ALA A 208 7.68 16.42 6.22
CA ALA A 208 6.37 16.08 6.76
C ALA A 208 6.38 16.21 8.30
N PHE A 209 7.47 15.78 8.95
CA PHE A 209 7.64 15.95 10.40
C PHE A 209 7.66 17.39 10.77
N MET A 210 8.68 18.06 10.27
CA MET A 210 8.96 19.44 10.61
C MET A 210 7.79 20.38 10.31
N GLU A 211 7.42 20.53 9.04
CA GLU A 211 6.43 21.54 8.69
C GLU A 211 5.03 20.97 8.49
N GLY A 212 4.90 19.65 8.45
CA GLY A 212 3.61 19.09 8.12
C GLY A 212 3.21 19.45 6.70
N ILE A 213 4.21 19.54 5.83
CA ILE A 213 3.98 19.73 4.40
C ILE A 213 3.99 18.41 3.65
N PHE A 214 2.95 18.17 2.86
CA PHE A 214 2.87 16.99 2.02
C PHE A 214 2.76 17.35 0.52
N THR A 215 3.44 16.58 -0.32
CA THR A 215 3.37 16.76 -1.77
C THR A 215 3.54 15.35 -2.36
N SER A 216 3.57 15.21 -3.66
CA SER A 216 3.76 13.86 -4.21
C SER A 216 5.14 13.32 -3.92
N LYS A 217 6.07 14.22 -3.62
CA LYS A 217 7.40 13.80 -3.24
C LYS A 217 7.37 13.12 -1.89
N THR A 218 6.28 13.29 -1.16
CA THR A 218 6.26 12.61 0.11
C THR A 218 5.91 11.15 -0.10
N ASP A 219 5.08 10.82 -1.10
CA ASP A 219 4.85 9.40 -1.40
C ASP A 219 6.12 8.73 -1.94
N THR A 220 6.94 9.50 -2.66
CA THR A 220 8.20 8.95 -3.13
C THR A 220 9.07 8.47 -1.98
N TRP A 221 9.18 9.27 -0.92
CA TRP A 221 9.95 8.85 0.25
C TRP A 221 9.38 7.55 0.81
N SER A 222 8.06 7.55 1.00
CA SER A 222 7.39 6.41 1.59
C SER A 222 7.58 5.14 0.77
N PHE A 223 7.54 5.28 -0.54
CA PHE A 223 7.80 4.15 -1.43
C PHE A 223 9.21 3.60 -1.22
N GLY A 224 10.18 4.50 -1.08
CA GLY A 224 11.51 4.06 -0.68
C GLY A 224 11.51 3.14 0.54
N VAL A 225 10.75 3.50 1.58
CA VAL A 225 10.66 2.67 2.78
C VAL A 225 9.91 1.35 2.51
N LEU A 226 8.82 1.40 1.74
CA LEU A 226 8.14 0.17 1.27
C LEU A 226 9.08 -0.78 0.51
N LEU A 227 9.96 -0.21 -0.29
CA LEU A 227 10.92 -1.00 -1.04
C LEU A 227 11.84 -1.71 -0.05
N TRP A 228 12.27 -1.00 1.01
CA TRP A 228 13.08 -1.65 2.05
C TRP A 228 12.29 -2.78 2.73
N GLU A 229 11.03 -2.52 3.04
CA GLU A 229 10.15 -3.56 3.57
C GLU A 229 10.07 -4.78 2.66
N ILE A 230 9.86 -4.56 1.37
CA ILE A 230 9.74 -5.67 0.44
C ILE A 230 11.02 -6.50 0.43
N PHE A 231 12.15 -5.85 0.21
CA PHE A 231 13.42 -6.56 0.08
C PHE A 231 14.02 -7.09 1.37
N SER A 232 13.54 -6.59 2.51
CA SER A 232 13.86 -7.20 3.78
C SER A 232 12.91 -8.38 4.08
N LEU A 233 11.98 -8.67 3.16
CA LEU A 233 10.98 -9.70 3.37
C LEU A 233 10.15 -9.44 4.64
N GLY A 234 9.70 -8.20 4.79
CA GLY A 234 8.66 -7.89 5.77
C GLY A 234 9.12 -7.48 7.15
N TYR A 235 10.37 -7.06 7.30
CA TYR A 235 10.85 -6.53 8.57
C TYR A 235 10.25 -5.13 8.82
N MET A 236 10.14 -4.76 10.09
CA MET A 236 9.79 -3.40 10.47
C MET A 236 11.01 -2.51 10.13
N PRO A 237 10.78 -1.34 9.52
CA PRO A 237 11.88 -0.41 9.17
C PRO A 237 12.62 0.13 10.41
N TYR A 238 13.87 0.50 10.22
CA TYR A 238 14.67 1.09 11.30
C TYR A 238 14.63 0.19 12.52
N PRO A 239 15.07 -1.08 12.36
CA PRO A 239 15.01 -2.05 13.45
C PRO A 239 15.72 -1.51 14.69
N SER A 240 15.04 -1.60 15.82
CA SER A 240 15.61 -1.20 17.10
C SER A 240 15.30 0.24 17.41
N LYS A 241 14.76 0.97 16.44
CA LYS A 241 14.46 2.38 16.69
C LYS A 241 12.97 2.61 16.96
N SER A 242 12.71 3.39 17.99
CA SER A 242 11.36 3.89 18.24
C SER A 242 11.06 5.03 17.28
N ASN A 243 9.79 5.46 17.26
CA ASN A 243 9.38 6.56 16.39
C ASN A 243 10.23 7.81 16.60
N GLN A 244 10.44 8.24 17.85
CA GLN A 244 11.18 9.49 18.03
C GLN A 244 12.67 9.33 17.65
N GLU A 245 13.23 8.15 17.88
CA GLU A 245 14.63 7.93 17.48
C GLU A 245 14.71 7.96 15.96
N VAL A 246 13.71 7.39 15.28
CA VAL A 246 13.71 7.47 13.82
C VAL A 246 13.61 8.92 13.38
N LEU A 247 12.72 9.68 14.02
CA LEU A 247 12.53 11.07 13.61
C LEU A 247 13.87 11.85 13.70
N GLU A 248 14.60 11.71 14.81
CA GLU A 248 15.89 12.41 14.97
C GLU A 248 16.97 11.89 14.02
N PHE A 249 16.94 10.58 13.76
CA PHE A 249 17.89 9.93 12.86
C PHE A 249 17.71 10.52 11.46
N VAL A 250 16.49 10.43 10.95
CA VAL A 250 16.20 10.83 9.55
C VAL A 250 16.43 12.34 9.37
N THR A 251 16.05 13.15 10.36
CA THR A 251 16.20 14.59 10.17
C THR A 251 17.65 15.03 10.31
N SER A 252 18.51 14.12 10.78
CA SER A 252 19.95 14.34 10.82
C SER A 252 20.72 13.76 9.63
N GLY A 253 20.00 13.22 8.66
CA GLY A 253 20.66 12.60 7.53
C GLY A 253 20.79 11.08 7.57
N GLY A 254 20.47 10.45 8.70
CA GLY A 254 20.53 9.00 8.77
C GLY A 254 19.60 8.30 7.80
N ARG A 255 20.09 7.22 7.19
CA ARG A 255 19.27 6.34 6.34
C ARG A 255 19.48 4.86 6.70
N MET A 256 18.47 4.03 6.45
CA MET A 256 18.61 2.60 6.65
C MET A 256 19.73 2.01 5.79
N ASP A 257 20.40 1.01 6.34
CA ASP A 257 21.31 0.16 5.56
C ASP A 257 20.50 -0.70 4.63
N PRO A 258 21.17 -1.36 3.69
CA PRO A 258 20.47 -2.26 2.77
C PRO A 258 19.90 -3.46 3.52
N PRO A 259 18.75 -3.97 3.08
CA PRO A 259 18.33 -5.28 3.59
C PRO A 259 19.32 -6.38 3.21
N LYS A 260 19.25 -7.49 3.93
CA LYS A 260 20.11 -8.64 3.68
C LYS A 260 20.01 -9.11 2.23
N ASN A 261 21.17 -9.22 1.58
CA ASN A 261 21.34 -9.69 0.19
C ASN A 261 20.74 -8.76 -0.88
N CYS A 262 20.37 -7.56 -0.48
CA CYS A 262 19.78 -6.60 -1.42
C CYS A 262 20.80 -6.23 -2.49
N PRO A 263 20.42 -6.39 -3.76
CA PRO A 263 21.30 -5.95 -4.85
C PRO A 263 21.56 -4.44 -4.77
N GLY A 264 22.79 -4.05 -5.04
CA GLY A 264 23.12 -2.64 -5.09
C GLY A 264 22.17 -1.75 -5.88
N PRO A 265 21.80 -2.15 -7.12
CA PRO A 265 20.89 -1.36 -7.95
C PRO A 265 19.51 -1.09 -7.30
N VAL A 266 19.00 -2.08 -6.56
CA VAL A 266 17.77 -1.89 -5.81
C VAL A 266 17.99 -0.95 -4.61
N TYR A 267 19.06 -1.15 -3.84
CA TYR A 267 19.33 -0.23 -2.72
C TYR A 267 19.46 1.22 -3.23
N ARG A 268 20.03 1.38 -4.40
CA ARG A 268 20.17 2.72 -4.96
C ARG A 268 18.85 3.40 -5.30
N ILE A 269 17.83 2.63 -5.69
CA ILE A 269 16.51 3.23 -5.84
C ILE A 269 16.03 3.77 -4.48
N MET A 270 16.17 2.97 -3.43
CA MET A 270 15.78 3.42 -2.10
C MET A 270 16.49 4.72 -1.70
N THR A 271 17.82 4.79 -1.86
CA THR A 271 18.53 5.96 -1.35
C THR A 271 18.18 7.22 -2.17
N GLN A 272 17.82 7.06 -3.45
CA GLN A 272 17.30 8.17 -4.25
C GLN A 272 15.90 8.63 -3.79
N CYS A 273 15.05 7.68 -3.40
CA CYS A 273 13.75 8.03 -2.79
C CYS A 273 13.93 8.81 -1.46
N TRP A 274 15.04 8.57 -0.78
CA TRP A 274 15.29 9.20 0.52
C TRP A 274 16.19 10.43 0.45
N GLN A 275 16.22 11.11 -0.70
CA GLN A 275 16.95 12.37 -0.77
C GLN A 275 16.29 13.40 0.16
N HIS A 276 17.11 14.11 0.93
CA HIS A 276 16.59 15.10 1.86
C HIS A 276 15.68 16.14 1.19
N GLN A 277 16.12 16.68 0.06
CA GLN A 277 15.31 17.69 -0.62
C GLN A 277 14.28 17.00 -1.52
N PRO A 278 13.00 17.33 -1.34
CA PRO A 278 11.90 16.73 -2.11
C PRO A 278 12.11 16.83 -3.63
N GLU A 279 12.62 17.99 -4.08
CA GLU A 279 12.83 18.18 -5.49
C GLU A 279 13.96 17.29 -6.02
N ASP A 280 14.81 16.74 -5.16
CA ASP A 280 15.82 15.79 -5.60
C ASP A 280 15.36 14.33 -5.68
N ARG A 281 14.18 14.03 -5.17
CA ARG A 281 13.62 12.67 -5.23
C ARG A 281 13.05 12.41 -6.63
N PRO A 282 13.18 11.17 -7.13
CA PRO A 282 12.61 10.80 -8.44
C PRO A 282 11.08 10.83 -8.42
N ASN A 283 10.43 11.11 -9.56
CA ASN A 283 9.00 10.89 -9.65
C ASN A 283 8.72 9.40 -9.95
N PHE A 284 7.45 9.01 -10.00
CA PHE A 284 7.23 7.58 -10.09
C PHE A 284 7.49 7.01 -11.49
N ALA A 285 7.45 7.87 -12.52
CA ALA A 285 7.85 7.42 -13.85
C ALA A 285 9.32 6.99 -13.83
N ILE A 286 10.16 7.74 -13.12
CA ILE A 286 11.57 7.42 -13.05
C ILE A 286 11.76 6.17 -12.17
N ILE A 287 11.03 6.10 -11.06
CA ILE A 287 11.17 4.92 -10.18
C ILE A 287 10.79 3.66 -11.00
N LEU A 288 9.69 3.73 -11.75
CA LEU A 288 9.30 2.60 -12.57
C LEU A 288 10.37 2.23 -13.58
N GLU A 289 10.99 3.24 -14.20
CA GLU A 289 12.08 2.99 -15.12
C GLU A 289 13.20 2.21 -14.47
N ARG A 290 13.56 2.60 -13.25
CA ARG A 290 14.67 1.96 -12.56
C ARG A 290 14.34 0.55 -12.07
N ILE A 291 13.12 0.36 -11.57
CA ILE A 291 12.66 -0.98 -11.25
C ILE A 291 12.72 -1.87 -12.53
N GLU A 292 12.17 -1.40 -13.64
CA GLU A 292 12.19 -2.22 -14.87
C GLU A 292 13.62 -2.59 -15.24
N TYR A 293 14.52 -1.62 -15.13
CA TYR A 293 15.92 -1.87 -15.35
C TYR A 293 16.52 -2.96 -14.45
N CYS A 294 16.30 -2.87 -13.14
CA CYS A 294 16.72 -3.91 -12.20
C CYS A 294 16.18 -5.28 -12.62
N THR A 295 14.95 -5.28 -13.10
CA THR A 295 14.22 -6.49 -13.45
C THR A 295 14.84 -7.23 -14.64
N GLN A 296 15.50 -6.50 -15.53
CA GLN A 296 16.11 -7.15 -16.68
C GLN A 296 17.60 -7.49 -16.44
N ASP A 297 18.19 -6.96 -15.36
CA ASP A 297 19.60 -7.21 -15.01
C ASP A 297 19.82 -8.59 -14.39
N PRO A 298 20.52 -9.51 -15.09
CA PRO A 298 20.69 -10.87 -14.52
C PRO A 298 21.41 -10.87 -13.16
N ASP A 299 22.36 -9.98 -12.95
CA ASP A 299 23.05 -9.98 -11.66
C ASP A 299 22.14 -9.55 -10.49
N VAL A 300 21.05 -8.88 -10.79
CA VAL A 300 20.10 -8.55 -9.75
C VAL A 300 19.20 -9.75 -9.49
N ILE A 301 18.60 -10.28 -10.56
CA ILE A 301 17.50 -11.21 -10.38
C ILE A 301 18.01 -12.61 -10.12
N ASN A 302 19.31 -12.83 -10.35
CA ASN A 302 19.91 -14.10 -9.98
C ASN A 302 20.48 -14.11 -8.54
N THR A 303 20.23 -13.04 -7.79
CA THR A 303 20.66 -13.02 -6.39
C THR A 303 19.70 -13.85 -5.53
N ALA A 304 20.25 -14.78 -4.75
CA ALA A 304 19.41 -15.58 -3.85
C ALA A 304 18.96 -14.77 -2.62
N LEU A 305 17.69 -14.92 -2.25
CA LEU A 305 17.20 -14.30 -1.01
C LEU A 305 17.71 -15.10 0.17
N PRO A 306 17.87 -14.44 1.32
CA PRO A 306 18.30 -15.19 2.51
C PRO A 306 17.25 -16.25 2.88
N ILE A 307 17.68 -17.34 3.52
CA ILE A 307 16.73 -18.35 3.98
C ILE A 307 16.61 -18.19 5.50
N GLU A 308 15.38 -18.08 5.97
CA GLU A 308 15.13 -17.94 7.40
C GLU A 308 15.08 -19.33 8.01
N TYR A 309 15.79 -19.52 9.11
CA TYR A 309 15.96 -20.86 9.66
C TYR A 309 14.67 -21.34 10.31
N GLY A 310 14.24 -22.50 10.01
#